data_2J8X
#
_entry.id   2J8X
#
_cell.length_a   62.406
_cell.length_b   82.942
_cell.length_c   269.130
_cell.angle_alpha   90.00
_cell.angle_beta   90.00
_cell.angle_gamma   90.00
#
_symmetry.space_group_name_H-M   'C 2 2 21'
#
loop_
_entity.id
_entity.type
_entity.pdbx_description
1 polymer 'URACIL-DNA GLYCOSYLASE'
2 polymer 'URACIL-DNA GLYCOSYLASE INHIBITOR'
3 non-polymer UREA
4 water water
#
loop_
_entity_poly.entity_id
_entity_poly.type
_entity_poly.pdbx_seq_one_letter_code
_entity_poly.pdbx_strand_id
1 'polypeptide(L)'
;GENLLLPDLWLDFLQLSPIFQRKLAAVIACVRRLRTQATVYPEEDMCMAWARFCDPSDIKVVILGQDPYHGGQANGLAFS
VAYGFPVPPSLRNIYAELHRSLPEFSPPDHGCLDAWASQGVLLLNTILTVQKGKPGSHADIGWAWFTDHVISLLSERLKA
CVFMLWGAKAGDKASLINSKKHLVLTSQHPSPLAQNSTRKSAQQKFLGNNHFVLANNFLREKGLGEIDWRL
;
A,C
2 'polypeptide(L)'
;MTNLSDIIEKETGKQLVIQESILMLPEEVEEVIGNKPESDILVHTAYDESTDENVMLLTSDAPEYKPWALVIQDSNGENK
IKML
;
B,D
#
# COMPACT_ATOMS: atom_id res chain seq x y z
N GLU A 2 -38.29 27.79 0.25
CA GLU A 2 -37.11 27.29 -0.52
C GLU A 2 -36.22 26.38 0.33
N ASN A 3 -36.16 25.10 -0.05
CA ASN A 3 -35.38 24.12 0.69
C ASN A 3 -33.99 23.95 0.08
N LEU A 4 -32.96 24.13 0.90
CA LEU A 4 -31.59 23.94 0.45
C LEU A 4 -31.16 22.48 0.65
N LEU A 5 -32.11 21.67 1.08
CA LEU A 5 -31.96 20.20 1.23
C LEU A 5 -31.03 19.74 2.36
N LEU A 6 -30.22 20.64 2.89
CA LEU A 6 -29.24 20.26 3.91
C LEU A 6 -29.84 20.22 5.30
N PRO A 7 -29.32 19.32 6.17
CA PRO A 7 -29.73 19.30 7.57
C PRO A 7 -29.30 20.58 8.29
N ASP A 8 -30.04 20.93 9.35
CA ASP A 8 -29.78 22.16 10.09
C ASP A 8 -28.35 22.24 10.61
N LEU A 9 -27.82 21.12 11.09
CA LEU A 9 -26.43 21.04 11.52
C LEU A 9 -25.47 21.46 10.40
N TRP A 10 -25.73 21.01 9.17
CA TRP A 10 -24.89 21.39 8.04
C TRP A 10 -25.03 22.86 7.65
N LEU A 11 -26.25 23.37 7.69
CA LEU A 11 -26.47 24.80 7.49
C LEU A 11 -25.73 25.63 8.55
N ASP A 12 -25.84 25.21 9.81
CA ASP A 12 -25.14 25.87 10.91
C ASP A 12 -23.61 25.78 10.76
N PHE A 13 -23.14 24.72 10.12
CA PHE A 13 -21.71 24.49 9.96
C PHE A 13 -21.14 25.28 8.79
N LEU A 14 -21.88 25.33 7.69
CA LEU A 14 -21.41 25.97 6.47
C LEU A 14 -21.46 27.49 6.54
N GLN A 15 -22.22 28.03 7.48
CA GLN A 15 -22.40 29.47 7.62
C GLN A 15 -22.57 30.14 6.25
N LEU A 16 -23.38 29.51 5.40
CA LEU A 16 -23.66 30.03 4.05
C LEU A 16 -24.16 31.47 4.09
N SER A 17 -23.52 32.32 3.29
CA SER A 17 -23.97 33.69 3.11
C SER A 17 -25.16 33.68 2.17
N PRO A 18 -26.02 34.71 2.26
CA PRO A 18 -27.16 34.83 1.33
C PRO A 18 -26.74 34.59 -0.12
N ILE A 19 -25.55 35.06 -0.48
CA ILE A 19 -25.00 34.82 -1.82
C ILE A 19 -24.82 33.33 -2.10
N PHE A 20 -24.15 32.63 -1.19
CA PHE A 20 -23.93 31.19 -1.36
C PHE A 20 -25.25 30.41 -1.29
N GLN A 21 -26.19 30.88 -0.46
CA GLN A 21 -27.52 30.29 -0.39
C GLN A 21 -28.24 30.39 -1.72
N ARG A 22 -28.10 31.54 -2.38
CA ARG A 22 -28.67 31.73 -3.69
C ARG A 22 -28.02 30.82 -4.73
N LYS A 23 -26.71 30.58 -4.56
CA LYS A 23 -25.98 29.68 -5.45
C LYS A 23 -26.49 28.25 -5.33
N LEU A 24 -26.59 27.76 -4.10
CA LEU A 24 -27.05 26.40 -3.84
C LEU A 24 -28.48 26.19 -4.34
N ALA A 25 -29.38 27.10 -3.96
CA ALA A 25 -30.75 27.11 -4.46
C ALA A 25 -30.84 27.09 -5.98
N ALA A 26 -29.91 27.78 -6.64
CA ALA A 26 -29.88 27.85 -8.10
C ALA A 26 -29.61 26.49 -8.74
N VAL A 27 -28.61 25.78 -8.23
CA VAL A 27 -28.29 24.45 -8.75
C VAL A 27 -29.45 23.49 -8.43
N ILE A 28 -29.91 23.52 -7.18
CA ILE A 28 -31.04 22.71 -6.78
C ILE A 28 -32.21 22.96 -7.73
N ALA A 29 -32.47 24.23 -8.03
CA ALA A 29 -33.52 24.62 -8.96
C ALA A 29 -33.21 24.13 -10.36
N CYS A 30 -31.95 24.24 -10.76
CA CYS A 30 -31.51 23.78 -12.07
C CYS A 30 -31.88 22.31 -12.26
N VAL A 31 -31.59 21.50 -11.24
CA VAL A 31 -31.89 20.08 -11.25
C VAL A 31 -33.40 19.78 -11.30
N ARG A 32 -34.20 20.59 -10.64
CA ARG A 32 -35.65 20.42 -10.70
C ARG A 32 -36.16 20.60 -12.13
N ARG A 33 -35.63 21.63 -12.79
CA ARG A 33 -35.86 21.87 -14.21
C ARG A 33 -35.55 20.62 -15.04
N LEU A 34 -34.35 20.09 -14.85
CA LEU A 34 -33.86 18.92 -15.60
C LEU A 34 -34.68 17.65 -15.39
N ARG A 35 -35.29 17.51 -14.22
CA ARG A 35 -36.05 16.30 -13.89
C ARG A 35 -37.38 16.21 -14.64
N THR A 36 -37.94 17.36 -15.01
CA THR A 36 -39.18 17.39 -15.77
C THR A 36 -38.91 16.86 -17.19
N GLN A 37 -37.63 16.68 -17.50
CA GLN A 37 -37.23 16.33 -18.86
C GLN A 37 -36.64 14.92 -18.96
N ALA A 38 -36.13 14.40 -17.84
CA ALA A 38 -35.57 13.04 -17.81
C ALA A 38 -35.49 12.47 -16.39
N THR A 39 -35.17 11.18 -16.30
CA THR A 39 -34.90 10.54 -15.01
C THR A 39 -33.52 10.97 -14.53
N VAL A 40 -33.46 11.36 -13.26
CA VAL A 40 -32.24 11.90 -12.66
C VAL A 40 -32.00 11.15 -11.35
N TYR A 41 -30.77 10.69 -11.15
CA TYR A 41 -30.41 9.98 -9.92
C TYR A 41 -29.46 10.80 -9.07
N PRO A 42 -29.55 10.64 -7.74
CA PRO A 42 -30.66 9.95 -7.07
C PRO A 42 -31.89 10.84 -6.97
N GLU A 43 -32.82 10.49 -6.08
CA GLU A 43 -34.00 11.31 -5.85
C GLU A 43 -33.58 12.57 -5.11
N GLU A 44 -34.33 13.66 -5.27
CA GLU A 44 -33.96 14.92 -4.63
C GLU A 44 -33.84 14.82 -3.12
N ASP A 45 -34.74 14.06 -2.49
CA ASP A 45 -34.66 13.88 -1.04
C ASP A 45 -33.56 12.89 -0.63
N MET A 46 -32.80 12.42 -1.60
CA MET A 46 -31.67 11.53 -1.32
C MET A 46 -30.33 12.09 -1.79
N CYS A 47 -30.36 13.14 -2.59
CA CYS A 47 -29.13 13.66 -3.18
C CYS A 47 -28.18 14.24 -2.13
N MET A 48 -28.72 14.52 -0.94
CA MET A 48 -27.95 15.09 0.15
C MET A 48 -27.86 14.13 1.34
N ALA A 49 -28.10 12.86 1.07
CA ALA A 49 -28.07 11.83 2.12
C ALA A 49 -26.71 11.69 2.81
N TRP A 50 -25.66 12.08 2.11
CA TRP A 50 -24.29 12.00 2.63
C TRP A 50 -24.10 12.87 3.87
N ALA A 51 -25.02 13.82 4.06
CA ALA A 51 -24.91 14.79 5.12
C ALA A 51 -25.76 14.46 6.35
N ARG A 52 -26.51 13.36 6.26
CA ARG A 52 -27.51 13.06 7.29
C ARG A 52 -27.07 12.00 8.31
N PHE A 53 -25.80 11.63 8.31
CA PHE A 53 -25.35 10.50 9.14
C PHE A 53 -24.59 10.88 10.39
N CYS A 54 -24.02 12.09 10.41
CA CYS A 54 -23.39 12.60 11.62
C CYS A 54 -23.27 14.13 11.60
N ASP A 55 -23.03 14.70 12.78
CA ASP A 55 -22.73 16.13 12.92
C ASP A 55 -21.48 16.43 12.11
N PRO A 56 -21.54 17.43 11.22
CA PRO A 56 -20.41 17.76 10.34
C PRO A 56 -19.11 18.04 11.11
N SER A 57 -19.23 18.58 12.32
CA SER A 57 -18.06 18.85 13.13
C SER A 57 -17.45 17.56 13.68
N ASP A 58 -18.11 16.43 13.44
CA ASP A 58 -17.61 15.14 13.91
C ASP A 58 -17.01 14.32 12.76
N ILE A 59 -16.94 14.92 11.58
CA ILE A 59 -16.28 14.29 10.43
C ILE A 59 -14.79 14.05 10.70
N LYS A 60 -14.32 12.85 10.38
CA LYS A 60 -12.95 12.43 10.64
C LYS A 60 -12.24 12.00 9.37
N VAL A 61 -13.00 11.48 8.41
CA VAL A 61 -12.44 11.00 7.16
C VAL A 61 -13.29 11.48 5.99
N VAL A 62 -12.67 12.11 5.00
CA VAL A 62 -13.40 12.54 3.81
C VAL A 62 -12.96 11.74 2.58
N ILE A 63 -13.92 11.04 1.98
CA ILE A 63 -13.65 10.20 0.82
C ILE A 63 -14.43 10.71 -0.39
N LEU A 64 -13.72 11.14 -1.43
CA LEU A 64 -14.35 11.78 -2.59
C LEU A 64 -14.64 10.80 -3.71
N GLY A 65 -15.89 10.83 -4.17
CA GLY A 65 -16.29 10.17 -5.40
C GLY A 65 -16.43 11.24 -6.47
N GLN A 66 -16.89 10.84 -7.65
CA GLN A 66 -17.07 11.78 -8.75
C GLN A 66 -18.54 12.17 -8.86
N ASP A 67 -19.32 11.40 -9.60
CA ASP A 67 -20.76 11.64 -9.65
C ASP A 67 -21.52 10.39 -9.26
N PRO A 68 -22.84 10.49 -9.05
CA PRO A 68 -23.55 9.29 -8.60
C PRO A 68 -23.61 8.19 -9.67
N TYR A 69 -23.85 6.95 -9.23
CA TYR A 69 -24.14 5.86 -10.14
C TYR A 69 -25.36 6.25 -10.98
N HIS A 70 -25.36 5.85 -12.26
CA HIS A 70 -26.34 6.32 -13.23
C HIS A 70 -27.35 5.26 -13.69
N GLY A 71 -27.36 4.12 -13.00
CA GLY A 71 -28.26 3.02 -13.34
C GLY A 71 -29.28 2.65 -12.28
N GLY A 72 -29.51 3.55 -11.31
CA GLY A 72 -30.51 3.33 -10.27
C GLY A 72 -29.93 2.85 -8.95
N GLN A 73 -28.62 2.69 -8.90
CA GLN A 73 -27.97 2.10 -7.73
C GLN A 73 -27.49 3.11 -6.68
N ALA A 74 -27.37 4.39 -7.08
CA ALA A 74 -26.94 5.46 -6.17
C ALA A 74 -27.89 5.67 -4.98
N ASN A 75 -27.32 5.94 -3.81
CA ASN A 75 -28.10 6.18 -2.60
C ASN A 75 -27.73 7.50 -1.90
N GLY A 76 -27.05 8.38 -2.61
CA GLY A 76 -26.72 9.69 -2.07
C GLY A 76 -25.42 9.74 -1.30
N LEU A 77 -24.72 8.61 -1.27
CA LEU A 77 -23.36 8.52 -0.72
C LEU A 77 -22.42 8.14 -1.85
N ALA A 78 -21.15 8.49 -1.72
CA ALA A 78 -20.13 8.05 -2.67
C ALA A 78 -19.88 6.56 -2.50
N PHE A 79 -19.70 5.85 -3.61
CA PHE A 79 -19.27 4.44 -3.65
C PHE A 79 -20.29 3.39 -3.18
N SER A 80 -21.09 3.76 -2.19
CA SER A 80 -22.16 2.93 -1.71
C SER A 80 -23.24 2.70 -2.78
N VAL A 81 -23.87 1.52 -2.77
CA VAL A 81 -25.08 1.28 -3.58
C VAL A 81 -26.29 0.93 -2.70
N ALA A 82 -27.48 1.24 -3.22
CA ALA A 82 -28.73 0.92 -2.55
C ALA A 82 -28.92 -0.59 -2.44
N TYR A 83 -29.79 -0.99 -1.51
CA TYR A 83 -30.05 -2.40 -1.28
C TYR A 83 -30.40 -3.15 -2.57
N GLY A 84 -29.85 -4.35 -2.72
CA GLY A 84 -30.24 -5.23 -3.81
C GLY A 84 -29.38 -5.15 -5.05
N PHE A 85 -28.56 -4.10 -5.16
CA PHE A 85 -27.66 -3.96 -6.30
C PHE A 85 -26.33 -4.67 -6.03
N PRO A 86 -25.71 -5.21 -7.08
CA PRO A 86 -24.39 -5.82 -6.93
C PRO A 86 -23.38 -4.81 -6.40
N VAL A 87 -22.42 -5.29 -5.61
CA VAL A 87 -21.31 -4.46 -5.18
C VAL A 87 -20.46 -4.14 -6.41
N PRO A 88 -20.32 -2.84 -6.72
CA PRO A 88 -19.63 -2.43 -7.93
C PRO A 88 -18.11 -2.67 -7.84
N PRO A 89 -17.45 -2.75 -9.01
CA PRO A 89 -16.03 -3.06 -9.13
C PRO A 89 -15.09 -2.26 -8.21
N SER A 90 -15.24 -0.93 -8.18
CA SER A 90 -14.38 -0.11 -7.33
C SER A 90 -14.57 -0.42 -5.85
N LEU A 91 -15.83 -0.58 -5.44
CA LEU A 91 -16.14 -0.93 -4.05
C LEU A 91 -15.61 -2.30 -3.67
N ARG A 92 -15.77 -3.27 -4.57
CA ARG A 92 -15.15 -4.59 -4.40
C ARG A 92 -13.66 -4.43 -4.12
N ASN A 93 -13.03 -3.50 -4.84
CA ASN A 93 -11.58 -3.27 -4.67
C ASN A 93 -11.23 -2.54 -3.38
N ILE A 94 -12.14 -1.65 -2.96
CA ILE A 94 -12.04 -1.00 -1.65
C ILE A 94 -12.13 -2.05 -0.56
N TYR A 95 -13.04 -3.01 -0.71
CA TYR A 95 -13.15 -4.09 0.27
C TYR A 95 -11.90 -4.95 0.29
N ALA A 96 -11.25 -5.10 -0.86
CA ALA A 96 -10.01 -5.89 -0.93
C ALA A 96 -8.87 -5.23 -0.14
N GLU A 97 -8.71 -3.93 -0.31
CA GLU A 97 -7.64 -3.21 0.41
C GLU A 97 -7.89 -3.25 1.92
N LEU A 98 -9.15 -3.19 2.31
CA LEU A 98 -9.54 -3.27 3.70
C LEU A 98 -9.22 -4.66 4.25
N HIS A 99 -9.51 -5.69 3.46
CA HIS A 99 -9.29 -7.07 3.85
C HIS A 99 -7.78 -7.39 3.92
N ARG A 100 -7.03 -6.83 2.98
CA ARG A 100 -5.58 -6.96 2.94
C ARG A 100 -4.89 -6.30 4.16
N SER A 101 -5.49 -5.24 4.69
CA SER A 101 -4.80 -4.42 5.69
C SER A 101 -5.33 -4.53 7.12
N LEU A 102 -6.57 -4.96 7.28
CA LEU A 102 -7.20 -5.07 8.60
C LEU A 102 -7.56 -6.51 8.90
N PRO A 103 -6.88 -7.12 9.88
CA PRO A 103 -7.12 -8.54 10.13
C PRO A 103 -8.57 -8.87 10.47
N GLU A 104 -9.30 -7.89 10.97
CA GLU A 104 -10.66 -8.11 11.44
C GLU A 104 -11.76 -7.78 10.41
N PHE A 105 -11.36 -7.29 9.25
CA PHE A 105 -12.32 -6.98 8.18
C PHE A 105 -12.53 -8.16 7.25
N SER A 106 -13.80 -8.48 7.02
CA SER A 106 -14.21 -9.46 6.04
C SER A 106 -15.20 -8.79 5.10
N PRO A 107 -14.95 -8.85 3.78
CA PRO A 107 -15.85 -8.14 2.85
C PRO A 107 -17.32 -8.58 3.00
N PRO A 108 -18.23 -7.61 3.16
CA PRO A 108 -19.65 -7.92 3.27
C PRO A 108 -20.22 -8.32 1.91
N ASP A 109 -21.46 -8.81 1.88
CA ASP A 109 -22.12 -9.15 0.63
C ASP A 109 -23.00 -8.01 0.09
N HIS A 110 -22.91 -6.84 0.73
CA HIS A 110 -23.70 -5.67 0.32
C HIS A 110 -22.80 -4.44 0.11
N GLY A 111 -23.39 -3.36 -0.37
CA GLY A 111 -22.65 -2.12 -0.61
C GLY A 111 -23.17 -0.94 0.18
N CYS A 112 -23.77 -1.22 1.34
CA CYS A 112 -24.23 -0.16 2.25
C CYS A 112 -23.12 0.29 3.16
N LEU A 113 -22.71 1.55 3.01
CA LEU A 113 -21.60 2.13 3.77
C LEU A 113 -22.09 2.97 4.96
N ASP A 114 -23.35 2.83 5.33
CA ASP A 114 -23.95 3.61 6.42
C ASP A 114 -23.18 3.51 7.75
N ALA A 115 -22.59 2.36 8.02
CA ALA A 115 -21.85 2.18 9.28
C ALA A 115 -20.60 3.07 9.36
N TRP A 116 -19.97 3.34 8.22
CA TRP A 116 -18.85 4.27 8.14
C TRP A 116 -19.37 5.69 8.34
N ALA A 117 -20.40 6.04 7.59
CA ALA A 117 -20.95 7.39 7.57
C ALA A 117 -21.35 7.90 8.95
N SER A 118 -21.91 7.02 9.77
CA SER A 118 -22.39 7.43 11.09
C SER A 118 -21.23 7.67 12.04
N GLN A 119 -20.04 7.23 11.65
CA GLN A 119 -18.84 7.40 12.46
C GLN A 119 -18.06 8.64 12.08
N GLY A 120 -18.51 9.35 11.05
CA GLY A 120 -17.83 10.55 10.62
C GLY A 120 -16.95 10.34 9.40
N VAL A 121 -17.28 9.32 8.60
CA VAL A 121 -16.66 9.18 7.29
C VAL A 121 -17.62 9.81 6.30
N LEU A 122 -17.18 10.87 5.66
CA LEU A 122 -17.99 11.59 4.68
C LEU A 122 -17.76 11.00 3.30
N LEU A 123 -18.81 10.39 2.75
CA LEU A 123 -18.76 9.79 1.43
C LEU A 123 -19.35 10.76 0.42
N LEU A 124 -18.49 11.61 -0.12
CA LEU A 124 -18.95 12.78 -0.87
C LEU A 124 -18.57 12.71 -2.34
N ASN A 125 -19.58 12.60 -3.20
CA ASN A 125 -19.38 12.77 -4.64
C ASN A 125 -19.27 14.26 -4.93
N THR A 126 -18.38 14.63 -5.83
CA THR A 126 -18.20 16.03 -6.16
C THR A 126 -19.40 16.56 -6.94
N ILE A 127 -20.03 15.66 -7.70
CA ILE A 127 -21.25 15.96 -8.45
C ILE A 127 -22.39 15.14 -7.83
N LEU A 128 -23.47 15.80 -7.44
CA LEU A 128 -24.46 15.13 -6.62
C LEU A 128 -25.66 14.55 -7.38
N THR A 129 -25.74 14.85 -8.67
CA THR A 129 -26.79 14.27 -9.51
C THR A 129 -26.23 13.80 -10.86
N VAL A 130 -26.98 12.92 -11.50
CA VAL A 130 -26.64 12.43 -12.84
C VAL A 130 -27.94 12.03 -13.56
N GLN A 131 -27.97 12.22 -14.87
CA GLN A 131 -29.09 11.75 -15.65
C GLN A 131 -28.95 10.24 -15.88
N LYS A 132 -30.06 9.53 -15.75
CA LYS A 132 -30.10 8.10 -16.03
C LYS A 132 -29.29 7.75 -17.29
N GLY A 133 -28.33 6.85 -17.13
CA GLY A 133 -27.54 6.34 -18.24
C GLY A 133 -26.51 7.29 -18.81
N LYS A 134 -26.32 8.44 -18.17
CA LYS A 134 -25.38 9.43 -18.69
C LYS A 134 -24.33 9.90 -17.67
N PRO A 135 -23.28 9.09 -17.45
CA PRO A 135 -22.21 9.55 -16.57
C PRO A 135 -21.69 10.91 -17.01
N GLY A 136 -21.52 11.82 -16.04
CA GLY A 136 -20.93 13.12 -16.31
C GLY A 136 -21.89 14.17 -16.82
N SER A 137 -23.16 13.78 -16.98
CA SER A 137 -24.16 14.66 -17.57
C SER A 137 -24.38 15.94 -16.79
N HIS A 138 -24.26 15.87 -15.47
CA HIS A 138 -24.51 17.02 -14.60
C HIS A 138 -23.24 17.64 -14.04
N ALA A 139 -22.14 17.50 -14.78
CA ALA A 139 -20.82 17.92 -14.32
C ALA A 139 -20.65 19.44 -14.30
N ASP A 140 -21.43 20.13 -15.12
CA ASP A 140 -21.28 21.56 -15.31
C ASP A 140 -22.56 22.34 -14.98
N ILE A 141 -23.34 21.85 -14.02
CA ILE A 141 -24.57 22.54 -13.67
C ILE A 141 -24.45 23.37 -12.40
N GLY A 142 -23.32 23.25 -11.70
CA GLY A 142 -23.07 24.06 -10.51
C GLY A 142 -22.76 23.30 -9.23
N TRP A 143 -22.76 21.97 -9.30
CA TRP A 143 -22.45 21.17 -8.12
C TRP A 143 -21.02 21.35 -7.61
N ALA A 144 -20.09 21.57 -8.53
CA ALA A 144 -18.65 21.62 -8.20
C ALA A 144 -18.25 22.80 -7.29
N TRP A 145 -18.89 23.95 -7.47
CA TRP A 145 -18.67 25.06 -6.55
C TRP A 145 -19.11 24.68 -5.13
N PHE A 146 -20.25 24.00 -5.02
CA PHE A 146 -20.78 23.61 -3.72
C PHE A 146 -19.91 22.58 -2.99
N THR A 147 -19.51 21.53 -3.69
CA THR A 147 -18.70 20.49 -3.06
C THR A 147 -17.25 20.93 -2.82
N ASP A 148 -16.72 21.78 -3.70
CA ASP A 148 -15.44 22.44 -3.45
C ASP A 148 -15.53 23.27 -2.18
N HIS A 149 -16.69 23.89 -1.96
CA HIS A 149 -16.92 24.74 -0.81
C HIS A 149 -17.06 23.92 0.48
N VAL A 150 -17.70 22.76 0.37
CA VAL A 150 -17.81 21.84 1.50
C VAL A 150 -16.41 21.35 1.87
N ILE A 151 -15.64 20.97 0.86
CA ILE A 151 -14.28 20.48 1.08
C ILE A 151 -13.44 21.54 1.81
N SER A 152 -13.48 22.76 1.29
CA SER A 152 -12.74 23.90 1.88
C SER A 152 -13.14 24.22 3.32
N LEU A 153 -14.43 24.18 3.62
CA LEU A 153 -14.93 24.47 4.95
C LEU A 153 -14.60 23.36 5.95
N LEU A 154 -14.68 22.11 5.49
CA LEU A 154 -14.23 20.96 6.26
C LEU A 154 -12.77 21.09 6.67
N SER A 155 -11.92 21.42 5.70
CA SER A 155 -10.52 21.69 5.96
C SER A 155 -10.36 22.83 6.99
N GLU A 156 -11.01 23.96 6.72
CA GLU A 156 -10.89 25.13 7.58
C GLU A 156 -11.37 24.90 9.02
N ARG A 157 -12.52 24.26 9.17
CA ARG A 157 -13.22 24.20 10.45
C ARG A 157 -12.84 23.03 11.35
N LEU A 158 -12.37 21.94 10.75
CA LEU A 158 -11.95 20.77 11.50
C LEU A 158 -10.52 20.92 11.98
N LYS A 159 -10.25 20.54 13.23
CA LYS A 159 -8.89 20.60 13.77
C LYS A 159 -7.98 19.64 13.03
N ALA A 160 -8.49 18.44 12.77
CA ALA A 160 -7.71 17.39 12.14
C ALA A 160 -8.63 16.38 11.48
N CYS A 161 -8.34 16.07 10.21
CA CYS A 161 -9.22 15.23 9.41
C CYS A 161 -8.39 14.53 8.33
N VAL A 162 -8.85 13.35 7.91
CA VAL A 162 -8.21 12.61 6.84
C VAL A 162 -9.01 12.78 5.55
N PHE A 163 -8.31 13.06 4.45
CA PHE A 163 -8.93 13.15 3.14
C PHE A 163 -8.32 12.09 2.23
N MET A 164 -9.17 11.20 1.71
CA MET A 164 -8.72 10.14 0.81
C MET A 164 -9.03 10.52 -0.62
N LEU A 165 -7.97 10.80 -1.38
CA LEU A 165 -8.11 11.27 -2.74
C LEU A 165 -7.61 10.21 -3.71
N TRP A 166 -8.54 9.49 -4.34
CA TRP A 166 -8.17 8.36 -5.19
C TRP A 166 -8.24 8.70 -6.67
N GLY A 167 -7.09 8.67 -7.33
CA GLY A 167 -7.03 8.99 -8.75
C GLY A 167 -6.67 10.44 -8.97
N ALA A 168 -6.25 10.75 -10.19
CA ALA A 168 -5.75 12.09 -10.49
C ALA A 168 -6.86 13.13 -10.43
N LYS A 169 -8.06 12.73 -10.79
CA LYS A 169 -9.19 13.65 -10.77
C LYS A 169 -9.58 14.08 -9.36
N ALA A 170 -9.65 13.13 -8.43
CA ALA A 170 -9.85 13.48 -7.03
C ALA A 170 -8.65 14.24 -6.48
N GLY A 171 -7.47 13.92 -7.00
CA GLY A 171 -6.23 14.56 -6.55
C GLY A 171 -6.20 16.05 -6.72
N ASP A 172 -6.91 16.55 -7.73
CA ASP A 172 -7.01 17.98 -8.01
C ASP A 172 -7.56 18.79 -6.83
N LYS A 173 -8.24 18.11 -5.92
CA LYS A 173 -8.91 18.76 -4.80
C LYS A 173 -7.96 19.02 -3.63
N ALA A 174 -6.74 18.49 -3.73
CA ALA A 174 -5.74 18.68 -2.68
C ALA A 174 -5.40 20.15 -2.49
N SER A 175 -5.66 20.96 -3.52
CA SER A 175 -5.38 22.39 -3.47
C SER A 175 -6.34 23.12 -2.52
N LEU A 176 -7.48 22.50 -2.25
CA LEU A 176 -8.46 23.06 -1.31
C LEU A 176 -8.17 22.70 0.15
N ILE A 177 -7.26 21.75 0.35
CA ILE A 177 -7.05 21.18 1.68
C ILE A 177 -5.75 21.62 2.35
N ASN A 178 -5.83 21.86 3.66
CA ASN A 178 -4.69 22.23 4.49
C ASN A 178 -3.87 21.00 4.88
N SER A 179 -2.78 20.78 4.16
CA SER A 179 -1.94 19.59 4.35
C SER A 179 -1.15 19.61 5.65
N LYS A 180 -1.09 20.76 6.30
CA LYS A 180 -0.44 20.89 7.59
C LYS A 180 -1.34 20.35 8.70
N LYS A 181 -2.58 20.82 8.74
CA LYS A 181 -3.57 20.34 9.69
C LYS A 181 -3.95 18.90 9.41
N HIS A 182 -4.14 18.58 8.14
CA HIS A 182 -4.83 17.35 7.77
C HIS A 182 -3.94 16.35 7.05
N LEU A 183 -4.35 15.09 7.11
CA LEU A 183 -3.68 14.03 6.37
C LEU A 183 -4.36 13.84 5.03
N VAL A 184 -3.67 14.19 3.97
CA VAL A 184 -4.18 13.98 2.62
C VAL A 184 -3.57 12.71 2.04
N LEU A 185 -4.42 11.69 1.88
CA LEU A 185 -3.96 10.39 1.41
C LEU A 185 -4.27 10.21 -0.07
N THR A 186 -3.26 9.85 -0.84
CA THR A 186 -3.44 9.73 -2.28
C THR A 186 -2.99 8.38 -2.80
N SER A 187 -3.61 7.94 -3.89
CA SER A 187 -3.21 6.75 -4.62
C SER A 187 -4.02 6.75 -5.90
N GLN A 188 -3.82 5.73 -6.73
CA GLN A 188 -4.67 5.52 -7.88
C GLN A 188 -6.09 5.19 -7.43
N HIS A 189 -7.05 5.35 -8.34
CA HIS A 189 -8.44 5.04 -8.10
C HIS A 189 -8.59 3.53 -7.87
N PRO A 190 -9.59 3.11 -7.08
CA PRO A 190 -9.87 1.68 -6.87
C PRO A 190 -10.42 0.92 -8.09
N SER A 191 -10.67 1.64 -9.18
CA SER A 191 -11.09 0.99 -10.44
C SER A 191 -10.17 -0.15 -10.86
N PRO A 192 -10.76 -1.27 -11.31
CA PRO A 192 -9.98 -2.44 -11.75
C PRO A 192 -8.94 -2.11 -12.82
N LEU A 193 -9.16 -1.04 -13.58
CA LEU A 193 -8.25 -0.70 -14.69
C LEU A 193 -6.83 -0.44 -14.19
N ALA A 194 -6.73 0.45 -13.21
CA ALA A 194 -5.45 0.87 -12.65
C ALA A 194 -4.57 -0.29 -12.20
N GLN A 195 -5.18 -1.41 -11.87
CA GLN A 195 -4.44 -2.58 -11.36
C GLN A 195 -3.29 -3.04 -12.28
N ASN A 196 -3.46 -2.85 -13.59
CA ASN A 196 -2.46 -3.29 -14.55
C ASN A 196 -1.59 -2.15 -15.09
N SER A 197 -1.59 -1.02 -14.39
CA SER A 197 -0.70 0.07 -14.71
C SER A 197 0.75 -0.34 -14.43
N THR A 198 1.68 0.28 -15.13
CA THR A 198 3.11 -0.07 -15.02
C THR A 198 3.68 0.17 -13.62
N ARG A 199 4.87 -0.36 -13.38
CA ARG A 199 5.56 -0.21 -12.10
C ARG A 199 5.76 1.25 -11.73
N LYS A 200 6.28 2.04 -12.66
CA LYS A 200 6.57 3.46 -12.43
C LYS A 200 5.39 4.34 -12.82
N SER A 201 4.39 4.39 -11.96
CA SER A 201 3.23 5.24 -12.18
C SER A 201 3.36 6.49 -11.32
N ALA A 202 2.74 7.58 -11.75
CA ALA A 202 2.74 8.81 -10.96
C ALA A 202 2.26 8.53 -9.55
N GLN A 203 1.18 7.75 -9.45
CA GLN A 203 0.59 7.41 -8.16
C GLN A 203 0.76 5.93 -7.85
N GLN A 204 0.73 5.59 -6.57
CA GLN A 204 0.87 4.22 -6.11
C GLN A 204 -0.41 3.44 -6.38
N LYS A 205 -0.30 2.13 -6.51
CA LYS A 205 -1.46 1.25 -6.63
C LYS A 205 -2.45 1.53 -5.49
N PHE A 206 -3.74 1.35 -5.77
CA PHE A 206 -4.76 1.43 -4.73
C PHE A 206 -4.64 0.24 -3.78
N LEU A 207 -4.58 -0.96 -4.34
CA LEU A 207 -4.40 -2.15 -3.53
C LEU A 207 -2.97 -2.11 -2.99
N GLY A 208 -2.85 -1.70 -1.73
CA GLY A 208 -1.55 -1.56 -1.08
C GLY A 208 -1.33 -0.15 -0.53
N ASN A 209 -2.29 0.73 -0.73
CA ASN A 209 -2.11 2.13 -0.31
C ASN A 209 -2.12 2.31 1.22
N ASN A 210 -2.60 1.30 1.93
CA ASN A 210 -2.67 1.34 3.40
C ASN A 210 -3.49 2.52 3.93
N HIS A 211 -4.36 3.07 3.09
CA HIS A 211 -5.11 4.28 3.43
C HIS A 211 -5.96 4.14 4.69
N PHE A 212 -6.59 2.99 4.86
CA PHE A 212 -7.54 2.83 5.97
C PHE A 212 -6.84 2.63 7.31
N VAL A 213 -5.65 2.04 7.28
CA VAL A 213 -4.82 1.96 8.47
C VAL A 213 -4.16 3.29 8.78
N LEU A 214 -3.65 3.98 7.74
CA LEU A 214 -2.98 5.26 7.95
C LEU A 214 -3.94 6.32 8.46
N ALA A 215 -5.21 6.19 8.09
CA ALA A 215 -6.23 7.09 8.59
C ALA A 215 -6.37 6.93 10.10
N ASN A 216 -6.49 5.70 10.56
CA ASN A 216 -6.66 5.41 11.98
C ASN A 216 -5.42 5.76 12.81
N ASN A 217 -4.24 5.62 12.22
CA ASN A 217 -3.00 6.05 12.87
C ASN A 217 -2.97 7.56 13.11
N PHE A 218 -3.35 8.32 12.09
CA PHE A 218 -3.43 9.78 12.20
C PHE A 218 -4.49 10.17 13.24
N LEU A 219 -5.68 9.57 13.14
CA LEU A 219 -6.73 9.86 14.09
C LEU A 219 -6.27 9.61 15.52
N ARG A 220 -5.67 8.44 15.72
CA ARG A 220 -5.16 8.05 17.04
C ARG A 220 -4.13 9.05 17.57
N GLU A 221 -3.12 9.37 16.77
CA GLU A 221 -2.11 10.32 17.21
C GLU A 221 -2.74 11.69 17.51
N LYS A 222 -3.76 12.06 16.75
CA LYS A 222 -4.45 13.34 16.95
C LYS A 222 -5.47 13.31 18.09
N GLY A 223 -5.57 12.17 18.77
CA GLY A 223 -6.44 12.04 19.94
C GLY A 223 -7.92 11.94 19.60
N LEU A 224 -8.22 11.44 18.40
CA LEU A 224 -9.59 11.32 17.95
C LEU A 224 -10.02 9.85 17.87
N GLY A 225 -11.33 9.64 17.80
CA GLY A 225 -11.85 8.29 17.62
C GLY A 225 -11.43 7.73 16.28
N GLU A 226 -11.08 6.44 16.27
CA GLU A 226 -10.71 5.76 15.05
C GLU A 226 -11.93 5.12 14.40
N ILE A 227 -11.80 4.80 13.12
CA ILE A 227 -12.90 4.19 12.38
C ILE A 227 -12.88 2.67 12.50
N ASP A 228 -14.02 2.10 12.86
CA ASP A 228 -14.24 0.68 12.74
C ASP A 228 -14.79 0.47 11.34
N TRP A 229 -13.96 -0.09 10.46
CA TRP A 229 -14.29 -0.17 9.04
C TRP A 229 -15.18 -1.36 8.67
N ARG A 230 -15.42 -2.25 9.63
CA ARG A 230 -16.21 -3.45 9.40
C ARG A 230 -17.65 -3.14 8.99
N LEU A 231 -18.18 -3.92 8.05
CA LEU A 231 -19.52 -3.71 7.51
C LEU A 231 -20.39 -4.96 7.61
N THR B 2 -25.30 5.26 -29.74
CA THR B 2 -25.12 3.81 -29.38
C THR B 2 -24.96 3.66 -27.87
N ASN B 3 -25.96 3.05 -27.23
CA ASN B 3 -25.92 2.81 -25.79
C ASN B 3 -24.60 2.15 -25.38
N LEU B 4 -24.12 2.50 -24.19
CA LEU B 4 -22.91 1.92 -23.64
C LEU B 4 -23.08 0.44 -23.37
N SER B 5 -24.32 0.04 -23.04
CA SER B 5 -24.63 -1.37 -22.81
C SER B 5 -24.49 -2.15 -24.10
N ASP B 6 -24.95 -1.52 -25.18
CA ASP B 6 -24.95 -2.14 -26.50
C ASP B 6 -23.54 -2.41 -26.97
N ILE B 7 -22.63 -1.47 -26.70
CA ILE B 7 -21.24 -1.63 -27.11
C ILE B 7 -20.62 -2.87 -26.49
N ILE B 8 -20.81 -3.04 -25.19
CA ILE B 8 -20.24 -4.21 -24.51
C ILE B 8 -20.76 -5.51 -25.12
N GLU B 9 -22.07 -5.59 -25.35
CA GLU B 9 -22.66 -6.78 -25.96
C GLU B 9 -22.25 -6.91 -27.42
N LYS B 10 -22.21 -5.79 -28.13
CA LYS B 10 -21.65 -5.74 -29.48
C LYS B 10 -20.28 -6.41 -29.53
N GLU B 11 -19.40 -5.98 -28.64
CA GLU B 11 -17.99 -6.39 -28.66
C GLU B 11 -17.71 -7.77 -28.05
N THR B 12 -18.49 -8.14 -27.04
CA THR B 12 -18.18 -9.32 -26.24
C THR B 12 -19.26 -10.41 -26.31
N GLY B 13 -20.46 -10.02 -26.71
CA GLY B 13 -21.59 -10.96 -26.75
C GLY B 13 -22.24 -11.19 -25.40
N LYS B 14 -21.71 -10.60 -24.34
CA LYS B 14 -22.33 -10.77 -23.01
C LYS B 14 -23.22 -9.60 -22.62
N GLN B 15 -24.26 -9.93 -21.86
CA GLN B 15 -25.31 -8.98 -21.50
C GLN B 15 -25.06 -8.44 -20.11
N LEU B 16 -24.17 -7.45 -20.03
CA LEU B 16 -23.78 -6.88 -18.75
C LEU B 16 -24.28 -5.46 -18.58
N VAL B 17 -24.72 -5.13 -17.38
CA VAL B 17 -25.08 -3.77 -17.04
C VAL B 17 -23.82 -3.03 -16.60
N ILE B 18 -23.64 -1.81 -17.08
CA ILE B 18 -22.56 -0.96 -16.57
C ILE B 18 -22.83 -0.63 -15.11
N GLN B 19 -21.88 -0.96 -14.25
CA GLN B 19 -22.06 -0.79 -12.82
C GLN B 19 -21.46 0.53 -12.36
N GLU B 20 -20.38 0.94 -13.01
CA GLU B 20 -19.76 2.23 -12.72
C GLU B 20 -19.10 2.81 -13.97
N SER B 21 -19.01 4.13 -13.99
CA SER B 21 -18.30 4.86 -15.03
C SER B 21 -17.31 5.82 -14.35
N ILE B 22 -16.04 5.45 -14.35
CA ILE B 22 -15.01 6.23 -13.65
C ILE B 22 -14.22 7.11 -14.62
N LEU B 23 -14.18 8.41 -14.32
CA LEU B 23 -13.42 9.35 -15.14
C LEU B 23 -11.94 9.30 -14.80
N MET B 24 -11.11 9.21 -15.84
CA MET B 24 -9.66 9.20 -15.67
C MET B 24 -8.99 10.17 -16.63
N LEU B 25 -7.81 10.65 -16.23
CA LEU B 25 -7.05 11.55 -17.07
C LEU B 25 -6.12 10.77 -18.00
N PRO B 26 -5.69 11.40 -19.10
CA PRO B 26 -4.94 10.72 -20.14
C PRO B 26 -3.67 10.01 -19.63
N GLU B 27 -2.97 10.65 -18.70
CA GLU B 27 -1.73 10.11 -18.17
C GLU B 27 -1.91 8.80 -17.39
N GLU B 28 -2.92 8.73 -16.52
CA GLU B 28 -3.14 7.52 -15.71
C GLU B 28 -3.73 6.39 -16.56
N VAL B 29 -4.44 6.73 -17.62
CA VAL B 29 -4.93 5.76 -18.58
C VAL B 29 -3.77 5.16 -19.38
N GLU B 30 -2.89 6.03 -19.88
CA GLU B 30 -1.73 5.64 -20.69
C GLU B 30 -0.83 4.66 -19.94
N GLU B 31 -0.79 4.78 -18.62
CA GLU B 31 -0.02 3.88 -17.77
C GLU B 31 -0.51 2.42 -17.86
N VAL B 32 -1.78 2.26 -18.22
CA VAL B 32 -2.40 0.93 -18.30
C VAL B 32 -2.50 0.43 -19.73
N ILE B 33 -2.85 1.33 -20.64
CA ILE B 33 -3.25 0.96 -21.99
C ILE B 33 -2.08 0.89 -22.97
N GLY B 34 -1.07 1.72 -22.75
CA GLY B 34 0.06 1.80 -23.68
C GLY B 34 -0.22 2.78 -24.81
N ASN B 35 -1.39 3.39 -24.77
CA ASN B 35 -1.75 4.46 -25.70
C ASN B 35 -2.34 5.62 -24.89
N LYS B 36 -2.06 6.84 -25.31
CA LYS B 36 -2.58 8.00 -24.61
C LYS B 36 -3.81 8.55 -25.33
N PRO B 37 -4.93 8.67 -24.59
CA PRO B 37 -6.15 9.25 -25.11
C PRO B 37 -6.00 10.76 -25.31
N GLU B 38 -6.80 11.33 -26.21
CA GLU B 38 -6.69 12.75 -26.55
C GLU B 38 -7.27 13.67 -25.46
N SER B 39 -8.12 13.10 -24.61
CA SER B 39 -8.67 13.83 -23.48
C SER B 39 -9.07 12.85 -22.37
N ASP B 40 -9.92 13.30 -21.46
CA ASP B 40 -10.36 12.45 -20.34
C ASP B 40 -11.07 11.19 -20.83
N ILE B 41 -11.05 10.15 -20.01
CA ILE B 41 -11.63 8.86 -20.39
C ILE B 41 -12.57 8.36 -19.29
N LEU B 42 -13.77 7.95 -19.70
CA LEU B 42 -14.69 7.29 -18.79
C LEU B 42 -14.47 5.78 -18.84
N VAL B 43 -14.18 5.19 -17.70
CA VAL B 43 -13.99 3.74 -17.60
C VAL B 43 -15.28 3.07 -17.15
N HIS B 44 -16.08 2.66 -18.12
CA HIS B 44 -17.35 1.99 -17.85
C HIS B 44 -17.08 0.51 -17.58
N THR B 45 -17.33 0.07 -16.37
CA THR B 45 -16.95 -1.28 -15.99
C THR B 45 -18.09 -2.12 -15.43
N ALA B 46 -18.04 -3.41 -15.77
CA ALA B 46 -19.03 -4.37 -15.34
C ALA B 46 -18.30 -5.64 -14.96
N TYR B 47 -18.81 -6.32 -13.95
CA TYR B 47 -18.29 -7.60 -13.54
C TYR B 47 -19.09 -8.70 -14.26
N ASP B 48 -18.38 -9.65 -14.86
CA ASP B 48 -19.04 -10.85 -15.37
C ASP B 48 -18.81 -11.98 -14.39
N GLU B 49 -19.84 -12.30 -13.60
CA GLU B 49 -19.73 -13.27 -12.53
C GLU B 49 -19.57 -14.71 -13.02
N SER B 50 -19.99 -14.96 -14.26
CA SER B 50 -19.87 -16.30 -14.83
C SER B 50 -18.42 -16.63 -15.12
N THR B 51 -17.62 -15.59 -15.35
CA THR B 51 -16.21 -15.76 -15.70
C THR B 51 -15.27 -15.17 -14.65
N ASP B 52 -15.81 -14.41 -13.72
CA ASP B 52 -15.01 -13.69 -12.73
C ASP B 52 -14.00 -12.78 -13.42
N GLU B 53 -14.48 -11.99 -14.37
CA GLU B 53 -13.65 -11.00 -14.98
C GLU B 53 -14.32 -9.63 -14.98
N ASN B 54 -13.50 -8.59 -14.96
CA ASN B 54 -13.97 -7.23 -15.05
C ASN B 54 -13.91 -6.79 -16.49
N VAL B 55 -15.03 -6.31 -17.01
CA VAL B 55 -15.11 -5.87 -18.39
C VAL B 55 -15.17 -4.35 -18.42
N MET B 56 -14.20 -3.73 -19.06
CA MET B 56 -14.09 -2.28 -19.04
C MET B 56 -14.15 -1.65 -20.43
N LEU B 57 -15.14 -0.79 -20.61
CA LEU B 57 -15.26 -0.01 -21.83
C LEU B 57 -14.70 1.37 -21.57
N LEU B 58 -13.63 1.74 -22.27
CA LEU B 58 -13.12 3.10 -22.18
C LEU B 58 -13.73 3.95 -23.27
N THR B 59 -14.33 5.06 -22.86
CA THR B 59 -15.06 5.95 -23.72
C THR B 59 -14.55 7.38 -23.46
N SER B 60 -14.74 8.29 -24.41
CA SER B 60 -14.50 9.70 -24.13
C SER B 60 -15.57 10.22 -23.16
N ASP B 61 -15.30 11.37 -22.55
CA ASP B 61 -16.21 11.96 -21.58
C ASP B 61 -17.57 12.29 -22.21
N ALA B 62 -18.52 12.69 -21.36
CA ALA B 62 -19.83 13.14 -21.82
C ALA B 62 -19.71 14.44 -22.61
N PRO B 63 -20.63 14.68 -23.55
CA PRO B 63 -21.76 13.82 -23.91
C PRO B 63 -21.47 12.85 -25.06
N GLU B 64 -20.26 12.89 -25.61
CA GLU B 64 -19.93 12.09 -26.79
C GLU B 64 -19.90 10.59 -26.49
N TYR B 65 -19.22 10.21 -25.42
CA TYR B 65 -18.99 8.79 -25.07
C TYR B 65 -18.41 7.98 -26.23
N LYS B 66 -17.47 8.57 -26.96
CA LYS B 66 -16.83 7.88 -28.09
C LYS B 66 -15.97 6.70 -27.62
N PRO B 67 -16.26 5.49 -28.12
CA PRO B 67 -15.53 4.30 -27.71
C PRO B 67 -14.04 4.42 -28.05
N TRP B 68 -13.18 3.99 -27.12
CA TRP B 68 -11.74 4.15 -27.31
C TRP B 68 -10.99 2.82 -27.18
N ALA B 69 -11.32 2.06 -26.15
CA ALA B 69 -10.69 0.77 -25.94
C ALA B 69 -11.60 -0.17 -25.13
N LEU B 70 -11.30 -1.46 -25.21
CA LEU B 70 -11.99 -2.45 -24.40
C LEU B 70 -10.95 -3.28 -23.68
N VAL B 71 -11.09 -3.37 -22.37
CA VAL B 71 -10.18 -4.17 -21.57
C VAL B 71 -10.96 -5.23 -20.81
N ILE B 72 -10.44 -6.46 -20.84
CA ILE B 72 -11.02 -7.52 -20.03
C ILE B 72 -9.95 -7.99 -19.08
N GLN B 73 -10.29 -8.01 -17.79
CA GLN B 73 -9.31 -8.34 -16.77
C GLN B 73 -9.60 -9.71 -16.20
N ASP B 74 -8.56 -10.52 -16.12
CA ASP B 74 -8.65 -11.91 -15.67
C ASP B 74 -8.97 -12.04 -14.19
N SER B 75 -9.40 -13.24 -13.82
CA SER B 75 -9.55 -13.64 -12.44
C SER B 75 -8.19 -13.64 -11.76
N ASN B 76 -7.14 -13.59 -12.60
CA ASN B 76 -5.76 -13.63 -12.12
C ASN B 76 -5.06 -12.26 -12.21
N GLY B 77 -5.82 -11.23 -12.60
CA GLY B 77 -5.30 -9.86 -12.65
C GLY B 77 -4.80 -9.41 -14.02
N GLU B 78 -4.73 -10.33 -14.98
CA GLU B 78 -4.17 -10.02 -16.30
C GLU B 78 -5.15 -9.30 -17.23
N ASN B 79 -4.63 -8.32 -17.96
CA ASN B 79 -5.43 -7.49 -18.86
C ASN B 79 -5.35 -7.90 -20.32
N LYS B 80 -6.52 -8.05 -20.95
CA LYS B 80 -6.60 -8.23 -22.38
C LYS B 80 -7.11 -6.92 -22.98
N ILE B 81 -6.24 -6.23 -23.74
CA ILE B 81 -6.56 -4.88 -24.24
C ILE B 81 -6.90 -4.87 -25.72
N LYS B 82 -7.94 -4.13 -26.08
CA LYS B 82 -8.39 -4.02 -27.45
C LYS B 82 -8.81 -2.59 -27.77
N MET B 83 -8.00 -1.90 -28.56
CA MET B 83 -8.35 -0.56 -29.03
C MET B 83 -9.59 -0.63 -29.92
N LEU B 84 -10.46 0.36 -29.80
CA LEU B 84 -11.73 0.33 -30.52
C LEU B 84 -11.75 1.29 -31.71
N ASN C 3 28.87 -26.20 -8.64
CA ASN C 3 27.63 -26.12 -9.48
C ASN C 3 26.83 -24.86 -9.18
N LEU C 4 25.51 -24.96 -9.22
CA LEU C 4 24.64 -23.79 -9.01
C LEU C 4 24.31 -23.54 -7.54
N LEU C 5 24.73 -24.45 -6.67
CA LEU C 5 24.60 -24.28 -5.22
C LEU C 5 23.18 -24.48 -4.68
N LEU C 6 22.22 -24.69 -5.57
CA LEU C 6 20.82 -24.86 -5.17
C LEU C 6 20.44 -26.33 -5.05
N PRO C 7 19.57 -26.67 -4.09
CA PRO C 7 19.06 -28.03 -3.97
C PRO C 7 18.28 -28.45 -5.23
N ASP C 8 18.23 -29.75 -5.49
CA ASP C 8 17.52 -30.28 -6.63
C ASP C 8 16.10 -29.73 -6.73
N LEU C 9 15.39 -29.73 -5.61
CA LEU C 9 14.02 -29.22 -5.56
C LEU C 9 13.91 -27.83 -6.15
N TRP C 10 14.89 -26.99 -5.88
CA TRP C 10 14.89 -25.59 -6.33
C TRP C 10 15.22 -25.43 -7.82
N LEU C 11 16.11 -26.28 -8.32
CA LEU C 11 16.48 -26.23 -9.73
C LEU C 11 15.27 -26.56 -10.62
N ASP C 12 14.51 -27.58 -10.20
CA ASP C 12 13.30 -27.98 -10.90
C ASP C 12 12.21 -26.91 -10.78
N PHE C 13 12.16 -26.27 -9.61
CA PHE C 13 11.18 -25.23 -9.33
C PHE C 13 11.42 -23.97 -10.15
N LEU C 14 12.66 -23.48 -10.10
CA LEU C 14 13.05 -22.27 -10.83
C LEU C 14 13.04 -22.50 -12.35
N GLN C 15 13.53 -23.67 -12.77
CA GLN C 15 13.57 -24.02 -14.18
C GLN C 15 14.39 -23.01 -14.98
N LEU C 16 15.61 -22.75 -14.52
CA LEU C 16 16.48 -21.76 -15.15
C LEU C 16 16.84 -22.14 -16.58
N SER C 17 16.92 -21.13 -17.45
CA SER C 17 17.36 -21.32 -18.82
C SER C 17 18.89 -21.38 -18.84
N PRO C 18 19.47 -22.01 -19.88
CA PRO C 18 20.92 -22.05 -20.00
C PRO C 18 21.51 -20.65 -19.84
N ILE C 19 20.86 -19.66 -20.46
CA ILE C 19 21.27 -18.27 -20.35
C ILE C 19 21.30 -17.83 -18.89
N PHE C 20 20.22 -18.10 -18.16
CA PHE C 20 20.13 -17.72 -16.74
C PHE C 20 21.05 -18.55 -15.86
N GLN C 21 21.28 -19.80 -16.22
CA GLN C 21 22.18 -20.68 -15.47
C GLN C 21 23.60 -20.14 -15.54
N ARG C 22 23.99 -19.66 -16.72
CA ARG C 22 25.30 -19.05 -16.91
C ARG C 22 25.44 -17.77 -16.07
N LYS C 23 24.37 -16.98 -16.03
CA LYS C 23 24.36 -15.75 -15.23
C LYS C 23 24.57 -16.04 -13.75
N LEU C 24 23.82 -16.98 -13.21
CA LEU C 24 23.96 -17.39 -11.82
C LEU C 24 25.37 -17.90 -11.53
N ALA C 25 25.84 -18.82 -12.36
CA ALA C 25 27.19 -19.37 -12.23
C ALA C 25 28.22 -18.25 -12.13
N ALA C 26 28.08 -17.23 -12.99
CA ALA C 26 29.01 -16.11 -13.01
C ALA C 26 29.03 -15.37 -11.68
N VAL C 27 27.88 -15.27 -11.04
CA VAL C 27 27.78 -14.60 -9.75
C VAL C 27 28.53 -15.39 -8.69
N ILE C 28 28.29 -16.71 -8.69
CA ILE C 28 28.94 -17.62 -7.75
C ILE C 28 30.45 -17.63 -7.96
N ALA C 29 30.87 -17.74 -9.22
CA ALA C 29 32.29 -17.73 -9.57
C ALA C 29 32.91 -16.37 -9.26
N CYS C 30 32.09 -15.32 -9.28
CA CYS C 30 32.55 -13.97 -8.97
C CYS C 30 32.91 -13.83 -7.49
N VAL C 31 32.07 -14.40 -6.63
CA VAL C 31 32.29 -14.36 -5.19
C VAL C 31 33.47 -15.25 -4.80
N ARG C 32 33.65 -16.34 -5.53
CA ARG C 32 34.79 -17.24 -5.34
C ARG C 32 36.10 -16.48 -5.55
N ARG C 33 36.11 -15.60 -6.54
CA ARG C 33 37.27 -14.74 -6.82
C ARG C 33 37.44 -13.64 -5.78
N LEU C 34 36.34 -13.27 -5.14
CA LEU C 34 36.36 -12.24 -4.09
C LEU C 34 36.79 -12.80 -2.73
N ARG C 35 36.51 -14.09 -2.51
CA ARG C 35 36.82 -14.74 -1.23
C ARG C 35 38.31 -14.90 -1.01
N THR C 36 39.09 -14.76 -2.08
CA THR C 36 40.54 -14.89 -1.98
C THR C 36 41.18 -13.55 -1.63
N GLN C 37 40.42 -12.47 -1.82
CA GLN C 37 40.92 -11.11 -1.53
C GLN C 37 40.60 -10.69 -0.10
N ALA C 38 39.53 -11.24 0.46
CA ALA C 38 39.09 -10.86 1.80
C ALA C 38 38.05 -11.84 2.36
N THR C 39 37.77 -11.70 3.66
CA THR C 39 36.78 -12.54 4.32
C THR C 39 35.36 -12.16 3.88
N VAL C 40 34.60 -13.18 3.45
CA VAL C 40 33.23 -12.96 2.97
C VAL C 40 32.23 -13.76 3.78
N TYR C 41 31.18 -13.10 4.26
CA TYR C 41 30.12 -13.75 5.03
C TYR C 41 28.86 -13.93 4.19
N PRO C 42 28.23 -15.12 4.29
CA PRO C 42 28.77 -16.25 5.05
C PRO C 42 29.56 -17.19 4.13
N GLU C 43 29.93 -18.35 4.66
CA GLU C 43 30.57 -19.38 3.84
C GLU C 43 29.71 -19.76 2.65
N GLU C 44 30.34 -20.23 1.58
CA GLU C 44 29.65 -20.61 0.36
C GLU C 44 28.69 -21.77 0.60
N ASP C 45 29.07 -22.66 1.51
CA ASP C 45 28.21 -23.79 1.86
C ASP C 45 27.00 -23.36 2.68
N MET C 46 26.89 -22.06 2.92
CA MET C 46 25.82 -21.51 3.75
C MET C 46 24.99 -20.44 3.06
N CYS C 47 25.57 -19.76 2.07
CA CYS C 47 24.89 -18.64 1.41
C CYS C 47 23.53 -19.03 0.80
N MET C 48 23.33 -20.31 0.58
CA MET C 48 22.07 -20.83 0.03
C MET C 48 21.30 -21.63 1.09
N ALA C 49 21.63 -21.42 2.36
CA ALA C 49 20.95 -22.11 3.46
C ALA C 49 19.44 -21.82 3.51
N TRP C 50 19.05 -20.61 3.12
CA TRP C 50 17.64 -20.23 3.06
C TRP C 50 16.85 -21.19 2.17
N ALA C 51 17.53 -21.79 1.20
CA ALA C 51 16.88 -22.66 0.22
C ALA C 51 16.73 -24.10 0.67
N ARG C 52 17.30 -24.43 1.82
CA ARG C 52 17.44 -25.83 2.22
C ARG C 52 16.44 -26.33 3.27
N PHE C 53 15.61 -25.44 3.80
CA PHE C 53 14.73 -25.81 4.92
C PHE C 53 13.41 -26.48 4.54
N CYS C 54 12.95 -26.26 3.31
CA CYS C 54 11.74 -26.93 2.84
C CYS C 54 11.59 -26.85 1.32
N ASP C 55 10.59 -27.57 0.79
CA ASP C 55 10.30 -27.54 -0.64
C ASP C 55 9.87 -26.14 -1.07
N PRO C 56 10.43 -25.64 -2.17
CA PRO C 56 10.06 -24.31 -2.66
C PRO C 56 8.55 -24.25 -2.92
N SER C 57 7.95 -25.39 -3.19
CA SER C 57 6.52 -25.48 -3.43
C SER C 57 5.73 -25.39 -2.13
N ASP C 58 6.43 -25.54 -1.01
CA ASP C 58 5.79 -25.49 0.31
C ASP C 58 5.94 -24.12 0.99
N ILE C 59 6.50 -23.15 0.28
CA ILE C 59 6.71 -21.80 0.81
C ILE C 59 5.40 -21.06 1.03
N LYS C 60 5.20 -20.55 2.24
CA LYS C 60 3.96 -19.85 2.60
C LYS C 60 4.17 -18.37 2.84
N VAL C 61 5.32 -18.01 3.43
CA VAL C 61 5.63 -16.63 3.75
C VAL C 61 7.05 -16.29 3.29
N VAL C 62 7.18 -15.23 2.49
CA VAL C 62 8.49 -14.73 2.06
C VAL C 62 8.79 -13.41 2.76
N ILE C 63 9.86 -13.42 3.56
CA ILE C 63 10.32 -12.22 4.27
C ILE C 63 11.65 -11.77 3.67
N LEU C 64 11.70 -10.54 3.18
CA LEU C 64 12.90 -10.03 2.52
C LEU C 64 13.81 -9.26 3.44
N GLY C 65 15.09 -9.61 3.40
CA GLY C 65 16.15 -8.82 4.03
C GLY C 65 16.94 -8.10 2.95
N GLN C 66 17.93 -7.31 3.36
CA GLN C 66 18.77 -6.62 2.38
C GLN C 66 20.03 -7.42 2.07
N ASP C 67 20.97 -7.45 3.01
CA ASP C 67 22.17 -8.26 2.85
C ASP C 67 22.56 -8.89 4.20
N PRO C 68 23.50 -9.84 4.17
CA PRO C 68 23.89 -10.56 5.38
C PRO C 68 24.59 -9.67 6.40
N TYR C 69 24.52 -10.06 7.67
CA TYR C 69 25.30 -9.41 8.72
C TYR C 69 26.78 -9.55 8.38
N HIS C 70 27.56 -8.51 8.67
CA HIS C 70 28.95 -8.46 8.22
C HIS C 70 29.98 -8.68 9.32
N GLY C 71 29.53 -9.09 10.49
CA GLY C 71 30.42 -9.30 11.63
C GLY C 71 30.56 -10.74 12.06
N GLY C 72 30.10 -11.66 11.21
CA GLY C 72 30.25 -13.09 11.46
C GLY C 72 29.07 -13.77 12.12
N GLN C 73 27.98 -13.03 12.28
CA GLN C 73 26.79 -13.59 12.93
C GLN C 73 25.74 -14.08 11.92
N ALA C 74 25.94 -13.74 10.64
CA ALA C 74 25.07 -14.19 9.57
C ALA C 74 25.10 -15.70 9.40
N ASN C 75 23.99 -16.27 8.93
CA ASN C 75 23.88 -17.72 8.77
C ASN C 75 23.11 -18.17 7.52
N GLY C 76 23.05 -17.31 6.51
CA GLY C 76 22.38 -17.64 5.26
C GLY C 76 20.87 -17.45 5.30
N LEU C 77 20.38 -16.97 6.44
CA LEU C 77 18.96 -16.62 6.59
C LEU C 77 18.85 -15.14 6.92
N ALA C 78 17.88 -14.48 6.30
CA ALA C 78 17.61 -13.07 6.58
C ALA C 78 17.21 -12.87 8.04
N PHE C 79 17.76 -11.85 8.66
CA PHE C 79 17.41 -11.45 10.02
C PHE C 79 17.92 -12.37 11.13
N SER C 80 17.96 -13.67 10.86
CA SER C 80 18.43 -14.65 11.84
C SER C 80 19.92 -14.48 12.14
N VAL C 81 20.33 -14.95 13.32
CA VAL C 81 21.75 -15.02 13.65
C VAL C 81 22.06 -16.39 14.22
N ALA C 82 23.32 -16.80 14.07
CA ALA C 82 23.76 -18.12 14.54
C ALA C 82 23.79 -18.19 16.07
N TYR C 83 23.80 -19.42 16.57
CA TYR C 83 23.88 -19.69 18.01
C TYR C 83 24.92 -18.83 18.72
N GLY C 84 24.51 -18.21 19.82
CA GLY C 84 25.45 -17.46 20.68
C GLY C 84 25.49 -15.97 20.49
N PHE C 85 24.98 -15.49 19.34
CA PHE C 85 25.03 -14.07 19.02
C PHE C 85 23.82 -13.31 19.57
N PRO C 86 24.04 -12.05 20.00
CA PRO C 86 22.96 -11.21 20.50
C PRO C 86 21.87 -10.97 19.46
N VAL C 87 20.60 -11.06 19.89
CA VAL C 87 19.49 -10.76 19.01
C VAL C 87 19.66 -9.36 18.42
N PRO C 88 19.75 -9.27 17.08
CA PRO C 88 19.93 -7.97 16.44
C PRO C 88 18.77 -7.02 16.74
N PRO C 89 19.03 -5.70 16.69
CA PRO C 89 18.06 -4.64 16.96
C PRO C 89 16.75 -4.77 16.19
N SER C 90 16.82 -5.09 14.90
CA SER C 90 15.62 -5.21 14.08
C SER C 90 14.82 -6.44 14.48
N LEU C 91 15.52 -7.53 14.78
CA LEU C 91 14.87 -8.78 15.17
C LEU C 91 14.16 -8.66 16.52
N ARG C 92 14.72 -7.86 17.42
CA ARG C 92 14.06 -7.57 18.69
C ARG C 92 12.70 -6.92 18.45
N ASN C 93 12.64 -5.97 17.54
CA ASN C 93 11.39 -5.29 17.22
C ASN C 93 10.40 -6.17 16.44
N ILE C 94 10.94 -7.07 15.61
CA ILE C 94 10.13 -8.12 15.01
C ILE C 94 9.47 -8.95 16.12
N TYR C 95 10.25 -9.35 17.12
CA TYR C 95 9.72 -10.13 18.24
C TYR C 95 8.65 -9.37 19.00
N ALA C 96 8.84 -8.06 19.12
CA ALA C 96 7.89 -7.21 19.84
C ALA C 96 6.56 -7.09 19.10
N GLU C 97 6.61 -6.96 17.78
CA GLU C 97 5.39 -6.91 16.98
C GLU C 97 4.65 -8.24 17.09
N LEU C 98 5.40 -9.33 17.04
CA LEU C 98 4.84 -10.67 17.24
C LEU C 98 4.19 -10.82 18.62
N HIS C 99 4.89 -10.37 19.64
CA HIS C 99 4.39 -10.45 21.02
C HIS C 99 3.14 -9.60 21.21
N ARG C 100 3.09 -8.45 20.52
CA ARG C 100 1.96 -7.54 20.63
C ARG C 100 0.74 -8.07 19.90
N SER C 101 0.97 -8.70 18.74
CA SER C 101 -0.11 -9.14 17.87
C SER C 101 -0.60 -10.55 18.22
N LEU C 102 0.32 -11.42 18.61
CA LEU C 102 -0.01 -12.77 19.04
C LEU C 102 0.53 -12.98 20.45
N PRO C 103 -0.21 -12.51 21.47
CA PRO C 103 0.23 -12.56 22.86
C PRO C 103 0.73 -13.93 23.30
N GLU C 104 0.40 -14.97 22.53
CA GLU C 104 0.89 -16.31 22.78
C GLU C 104 2.36 -16.50 22.36
N PHE C 105 2.93 -15.47 21.74
CA PHE C 105 4.35 -15.47 21.40
C PHE C 105 5.16 -14.77 22.47
N SER C 106 6.15 -15.48 23.00
CA SER C 106 7.11 -14.88 23.93
C SER C 106 8.47 -14.78 23.23
N PRO C 107 9.05 -13.58 23.21
CA PRO C 107 10.33 -13.37 22.54
C PRO C 107 11.43 -14.26 23.12
N PRO C 108 12.13 -15.01 22.27
CA PRO C 108 13.19 -15.89 22.73
C PRO C 108 14.46 -15.12 23.09
N ASP C 109 15.37 -15.77 23.80
CA ASP C 109 16.65 -15.16 24.16
C ASP C 109 17.67 -15.39 23.05
N HIS C 110 17.24 -16.04 21.97
CA HIS C 110 18.11 -16.31 20.82
C HIS C 110 17.55 -15.71 19.54
N GLY C 111 18.33 -15.80 18.46
CA GLY C 111 17.94 -15.22 17.19
C GLY C 111 17.95 -16.20 16.04
N CYS C 112 17.79 -17.49 16.36
CA CYS C 112 17.79 -18.54 15.37
C CYS C 112 16.37 -18.81 14.84
N LEU C 113 16.13 -18.47 13.57
CA LEU C 113 14.79 -18.60 13.00
C LEU C 113 14.60 -19.88 12.17
N ASP C 114 15.36 -20.92 12.47
CA ASP C 114 15.27 -22.19 11.73
C ASP C 114 13.86 -22.78 11.82
N ALA C 115 13.19 -22.56 12.95
CA ALA C 115 11.83 -23.09 13.16
C ALA C 115 10.81 -22.50 12.19
N TRP C 116 11.00 -21.22 11.85
CA TRP C 116 10.14 -20.54 10.88
C TRP C 116 10.42 -21.11 9.49
N ALA C 117 11.70 -21.22 9.17
CA ALA C 117 12.16 -21.67 7.86
C ALA C 117 11.72 -23.10 7.53
N SER C 118 11.64 -23.95 8.55
CA SER C 118 11.19 -25.32 8.37
C SER C 118 9.71 -25.38 8.00
N GLN C 119 8.97 -24.33 8.37
CA GLN C 119 7.52 -24.29 8.16
C GLN C 119 7.11 -23.61 6.86
N GLY C 120 8.09 -23.20 6.07
CA GLY C 120 7.81 -22.54 4.80
C GLY C 120 7.97 -21.03 4.81
N VAL C 121 8.56 -20.50 5.89
CA VAL C 121 8.92 -19.08 5.90
C VAL C 121 10.27 -18.91 5.24
N LEU C 122 10.27 -18.33 4.04
CA LEU C 122 11.50 -18.06 3.31
C LEU C 122 12.12 -16.76 3.78
N LEU C 123 13.22 -16.88 4.52
CA LEU C 123 13.96 -15.74 5.04
C LEU C 123 15.04 -15.37 4.03
N LEU C 124 14.66 -14.57 3.04
CA LEU C 124 15.52 -14.29 1.89
C LEU C 124 16.11 -12.89 1.94
N ASN C 125 17.44 -12.80 1.96
CA ASN C 125 18.15 -11.55 1.72
C ASN C 125 18.20 -11.32 0.23
N THR C 126 18.05 -10.06 -0.20
CA THR C 126 18.15 -9.75 -1.63
C THR C 126 19.60 -9.87 -2.09
N ILE C 127 20.53 -9.58 -1.17
CA ILE C 127 21.95 -9.79 -1.40
C ILE C 127 22.45 -10.93 -0.53
N LEU C 128 23.03 -11.95 -1.15
CA LEU C 128 23.34 -13.20 -0.46
C LEU C 128 24.75 -13.30 0.17
N THR C 129 25.61 -12.32 -0.10
CA THR C 129 26.93 -12.27 0.56
C THR C 129 27.37 -10.85 0.86
N VAL C 130 28.35 -10.74 1.75
CA VAL C 130 28.89 -9.45 2.15
C VAL C 130 30.36 -9.60 2.57
N GLN C 131 31.09 -8.49 2.60
CA GLN C 131 32.47 -8.51 3.09
C GLN C 131 32.51 -8.04 4.54
N LYS C 132 33.36 -8.69 5.34
CA LYS C 132 33.51 -8.34 6.74
C LYS C 132 33.60 -6.83 6.95
N GLY C 133 32.73 -6.29 7.79
CA GLY C 133 32.75 -4.88 8.12
C GLY C 133 32.38 -3.96 6.97
N LYS C 134 32.02 -4.54 5.83
CA LYS C 134 31.65 -3.74 4.65
C LYS C 134 30.23 -4.03 4.16
N PRO C 135 29.21 -3.44 4.83
CA PRO C 135 27.82 -3.61 4.44
C PRO C 135 27.50 -2.98 3.08
N GLY C 136 26.96 -3.78 2.16
CA GLY C 136 26.59 -3.29 0.83
C GLY C 136 27.66 -3.52 -0.22
N SER C 137 28.82 -4.00 0.21
CA SER C 137 29.97 -4.19 -0.67
C SER C 137 29.71 -5.13 -1.86
N HIS C 138 28.78 -6.06 -1.69
CA HIS C 138 28.47 -7.03 -2.74
C HIS C 138 27.09 -6.77 -3.31
N ALA C 139 26.70 -5.50 -3.37
CA ALA C 139 25.36 -5.11 -3.77
C ALA C 139 25.12 -5.18 -5.28
N ASP C 140 26.14 -4.87 -6.07
CA ASP C 140 25.98 -4.76 -7.52
C ASP C 140 26.70 -5.85 -8.31
N ILE C 141 26.80 -7.05 -7.74
CA ILE C 141 27.54 -8.13 -8.40
C ILE C 141 26.66 -9.18 -9.07
N GLY C 142 25.34 -9.02 -8.96
CA GLY C 142 24.41 -9.94 -9.61
C GLY C 142 23.53 -10.74 -8.67
N TRP C 143 23.67 -10.49 -7.36
CA TRP C 143 22.83 -11.13 -6.37
C TRP C 143 21.37 -10.69 -6.50
N ALA C 144 21.17 -9.38 -6.51
CA ALA C 144 19.85 -8.77 -6.63
C ALA C 144 19.06 -9.30 -7.83
N TRP C 145 19.75 -9.46 -8.96
CA TRP C 145 19.12 -10.03 -10.14
C TRP C 145 18.58 -11.44 -9.89
N PHE C 146 19.33 -12.23 -9.14
CA PHE C 146 18.96 -13.61 -8.85
C PHE C 146 17.81 -13.72 -7.86
N THR C 147 17.89 -12.97 -6.76
CA THR C 147 16.83 -13.00 -5.76
C THR C 147 15.54 -12.38 -6.30
N ASP C 148 15.68 -11.33 -7.11
CA ASP C 148 14.54 -10.76 -7.83
C ASP C 148 13.85 -11.84 -8.66
N HIS C 149 14.65 -12.67 -9.34
CA HIS C 149 14.12 -13.74 -10.17
C HIS C 149 13.45 -14.81 -9.32
N VAL C 150 14.01 -15.04 -8.14
CA VAL C 150 13.44 -16.00 -7.20
C VAL C 150 12.06 -15.54 -6.74
N ILE C 151 11.95 -14.24 -6.45
CA ILE C 151 10.68 -13.67 -6.00
C ILE C 151 9.62 -13.76 -7.11
N SER C 152 10.03 -13.51 -8.35
CA SER C 152 9.14 -13.59 -9.50
C SER C 152 8.58 -14.99 -9.70
N LEU C 153 9.41 -16.00 -9.46
CA LEU C 153 9.01 -17.39 -9.62
C LEU C 153 8.11 -17.90 -8.49
N LEU C 154 8.42 -17.52 -7.25
CA LEU C 154 7.52 -17.80 -6.14
C LEU C 154 6.14 -17.23 -6.44
N SER C 155 6.11 -15.99 -6.90
CA SER C 155 4.86 -15.31 -7.23
C SER C 155 4.11 -16.01 -8.37
N GLU C 156 4.86 -16.49 -9.36
CA GLU C 156 4.28 -17.13 -10.55
C GLU C 156 3.86 -18.59 -10.29
N ARG C 157 4.74 -19.35 -9.64
CA ARG C 157 4.51 -20.77 -9.44
C ARG C 157 3.57 -21.07 -8.28
N LEU C 158 3.58 -20.23 -7.26
CA LEU C 158 2.75 -20.46 -6.08
C LEU C 158 1.32 -19.99 -6.30
N LYS C 159 0.38 -20.79 -5.81
CA LYS C 159 -1.03 -20.43 -5.86
C LYS C 159 -1.27 -19.21 -4.96
N ALA C 160 -0.86 -19.33 -3.70
CA ALA C 160 -1.06 -18.27 -2.73
C ALA C 160 0.12 -18.20 -1.75
N CYS C 161 0.61 -16.98 -1.53
CA CYS C 161 1.79 -16.78 -0.70
C CYS C 161 1.79 -15.39 -0.07
N VAL C 162 2.37 -15.28 1.12
CA VAL C 162 2.51 -13.99 1.79
C VAL C 162 3.91 -13.44 1.57
N PHE C 163 3.98 -12.17 1.17
CA PHE C 163 5.25 -11.47 1.03
C PHE C 163 5.28 -10.30 2.01
N MET C 164 6.27 -10.28 2.90
CA MET C 164 6.42 -9.19 3.88
C MET C 164 7.59 -8.29 3.47
N LEU C 165 7.27 -7.03 3.15
CA LEU C 165 8.28 -6.09 2.69
C LEU C 165 8.39 -4.91 3.66
N TRP C 166 9.53 -4.83 4.35
CA TRP C 166 9.73 -3.83 5.40
C TRP C 166 10.78 -2.81 4.99
N GLY C 167 10.37 -1.56 4.88
CA GLY C 167 11.25 -0.51 4.40
C GLY C 167 11.02 -0.26 2.92
N ALA C 168 11.38 0.94 2.48
CA ALA C 168 11.13 1.35 1.11
C ALA C 168 11.96 0.55 0.11
N LYS C 169 13.12 0.09 0.55
CA LYS C 169 14.05 -0.64 -0.33
C LYS C 169 13.50 -2.03 -0.65
N ALA C 170 13.06 -2.75 0.38
CA ALA C 170 12.40 -4.04 0.17
C ALA C 170 11.04 -3.82 -0.47
N GLY C 171 10.37 -2.74 -0.09
CA GLY C 171 9.10 -2.36 -0.70
C GLY C 171 9.13 -2.25 -2.21
N ASP C 172 10.31 -1.96 -2.76
CA ASP C 172 10.49 -1.84 -4.21
C ASP C 172 10.29 -3.16 -4.97
N LYS C 173 10.38 -4.27 -4.25
CA LYS C 173 10.26 -5.59 -4.85
C LYS C 173 8.79 -5.99 -5.05
N ALA C 174 7.88 -5.13 -4.64
CA ALA C 174 6.45 -5.40 -4.74
C ALA C 174 5.96 -5.43 -6.19
N SER C 175 6.77 -4.88 -7.10
CA SER C 175 6.42 -4.84 -8.51
C SER C 175 6.75 -6.16 -9.20
N LEU C 176 7.22 -7.15 -8.43
CA LEU C 176 7.53 -8.47 -8.96
C LEU C 176 6.45 -9.48 -8.56
N ILE C 177 5.56 -9.05 -7.66
CA ILE C 177 4.59 -9.96 -7.06
C ILE C 177 3.15 -9.70 -7.54
N ASN C 178 2.40 -10.78 -7.76
CA ASN C 178 0.99 -10.65 -8.14
C ASN C 178 0.07 -10.49 -6.95
N SER C 179 -0.41 -9.26 -6.77
CA SER C 179 -1.25 -8.87 -5.64
C SER C 179 -2.66 -9.47 -5.69
N LYS C 180 -3.02 -10.04 -6.83
CA LYS C 180 -4.32 -10.67 -7.01
C LYS C 180 -4.31 -12.08 -6.41
N LYS C 181 -3.16 -12.73 -6.46
CA LYS C 181 -3.00 -14.06 -5.91
C LYS C 181 -2.56 -13.97 -4.47
N HIS C 182 -1.64 -13.06 -4.20
CA HIS C 182 -0.86 -13.11 -2.97
C HIS C 182 -1.06 -11.91 -2.05
N LEU C 183 -0.79 -12.14 -0.76
CA LEU C 183 -0.82 -11.09 0.23
C LEU C 183 0.52 -10.39 0.24
N VAL C 184 0.54 -9.12 -0.17
CA VAL C 184 1.76 -8.31 -0.07
C VAL C 184 1.58 -7.33 1.08
N LEU C 185 2.44 -7.48 2.08
CA LEU C 185 2.38 -6.67 3.30
C LEU C 185 3.54 -5.70 3.34
N THR C 186 3.26 -4.43 3.67
CA THR C 186 4.30 -3.42 3.78
C THR C 186 4.21 -2.57 5.04
N SER C 187 5.37 -2.09 5.48
CA SER C 187 5.46 -1.11 6.55
C SER C 187 6.88 -0.57 6.56
N GLN C 188 7.15 0.34 7.49
CA GLN C 188 8.51 0.78 7.75
C GLN C 188 9.34 -0.42 8.19
N HIS C 189 10.67 -0.26 8.15
CA HIS C 189 11.59 -1.26 8.65
C HIS C 189 11.46 -1.40 10.16
N PRO C 190 11.74 -2.60 10.70
CA PRO C 190 11.74 -2.79 12.15
C PRO C 190 12.93 -2.13 12.87
N SER C 191 13.81 -1.48 12.13
CA SER C 191 14.93 -0.75 12.72
C SER C 191 14.43 0.23 13.78
N PRO C 192 15.14 0.30 14.92
CA PRO C 192 14.82 1.22 16.01
C PRO C 192 14.71 2.67 15.56
N LEU C 193 15.46 3.05 14.52
CA LEU C 193 15.42 4.42 14.01
C LEU C 193 14.01 4.82 13.57
N ALA C 194 13.37 3.97 12.76
CA ALA C 194 12.09 4.27 12.15
C ALA C 194 10.95 4.48 13.16
N GLN C 195 11.20 4.09 14.41
CA GLN C 195 10.17 4.14 15.44
C GLN C 195 9.65 5.55 15.73
N ASN C 196 10.46 6.56 15.41
CA ASN C 196 10.15 7.93 15.78
C ASN C 196 9.73 8.82 14.61
N SER C 197 9.22 8.21 13.54
CA SER C 197 8.77 8.98 12.38
C SER C 197 7.62 9.93 12.76
N THR C 198 7.33 10.88 11.88
CA THR C 198 6.39 11.96 12.17
C THR C 198 4.96 11.53 12.48
N ARG C 199 4.75 10.22 12.64
CA ARG C 199 3.42 9.67 12.94
C ARG C 199 2.43 10.06 11.84
N LYS C 200 2.97 10.57 10.74
CA LYS C 200 2.17 11.05 9.61
C LYS C 200 3.01 10.86 8.34
N SER C 201 3.56 9.66 8.19
CA SER C 201 4.53 9.35 7.15
C SER C 201 3.92 8.66 5.92
N ALA C 202 4.79 8.26 5.01
CA ALA C 202 4.37 7.53 3.82
C ALA C 202 3.94 6.11 4.18
N GLN C 203 4.73 5.46 5.03
CA GLN C 203 4.50 4.07 5.41
C GLN C 203 4.02 4.01 6.85
N GLN C 204 3.30 2.94 7.18
CA GLN C 204 2.89 2.70 8.54
C GLN C 204 4.07 2.19 9.36
N LYS C 205 4.06 2.47 10.65
CA LYS C 205 5.13 2.02 11.52
C LYS C 205 5.14 0.51 11.62
N PHE C 206 6.32 -0.04 11.85
CA PHE C 206 6.44 -1.49 12.00
C PHE C 206 5.56 -2.02 13.13
N LEU C 207 5.80 -1.54 14.34
CA LEU C 207 5.01 -2.00 15.48
C LEU C 207 3.56 -1.63 15.24
N GLY C 208 2.70 -2.64 15.23
CA GLY C 208 1.28 -2.44 14.95
C GLY C 208 0.95 -2.63 13.50
N ASN C 209 1.91 -3.16 12.73
CA ASN C 209 1.65 -3.42 11.32
C ASN C 209 0.72 -4.61 11.10
N ASN C 210 0.62 -5.48 12.11
CA ASN C 210 -0.27 -6.65 12.06
C ASN C 210 0.11 -7.68 11.00
N HIS C 211 1.34 -7.61 10.50
CA HIS C 211 1.76 -8.49 9.40
C HIS C 211 1.62 -9.98 9.71
N PHE C 212 1.96 -10.37 10.92
CA PHE C 212 1.94 -11.79 11.29
C PHE C 212 0.53 -12.32 11.52
N VAL C 213 -0.35 -11.45 12.00
CA VAL C 213 -1.77 -11.77 12.14
C VAL C 213 -2.39 -11.95 10.76
N LEU C 214 -2.17 -10.98 9.89
CA LEU C 214 -2.69 -11.03 8.53
C LEU C 214 -2.18 -12.25 7.77
N ALA C 215 -0.90 -12.59 7.98
CA ALA C 215 -0.31 -13.76 7.35
C ALA C 215 -1.06 -15.04 7.70
N ASN C 216 -1.23 -15.28 9.00
CA ASN C 216 -1.92 -16.48 9.48
C ASN C 216 -3.39 -16.54 9.08
N ASN C 217 -4.04 -15.38 9.04
CA ASN C 217 -5.39 -15.29 8.52
C ASN C 217 -5.44 -15.69 7.05
N PHE C 218 -4.48 -15.22 6.28
CA PHE C 218 -4.42 -15.49 4.84
C PHE C 218 -4.17 -16.97 4.56
N LEU C 219 -3.24 -17.55 5.32
CA LEU C 219 -2.92 -18.97 5.17
C LEU C 219 -4.12 -19.85 5.48
N ARG C 220 -4.80 -19.58 6.58
CA ARG C 220 -5.99 -20.32 6.96
C ARG C 220 -7.09 -20.16 5.92
N GLU C 221 -7.28 -18.94 5.45
CA GLU C 221 -8.27 -18.64 4.42
C GLU C 221 -7.94 -19.38 3.12
N LYS C 222 -6.66 -19.57 2.84
CA LYS C 222 -6.24 -20.24 1.61
C LYS C 222 -6.04 -21.75 1.80
N GLY C 223 -6.32 -22.23 3.00
CA GLY C 223 -6.22 -23.66 3.30
C GLY C 223 -4.80 -24.19 3.39
N LEU C 224 -3.89 -23.34 3.87
CA LEU C 224 -2.52 -23.75 4.11
C LEU C 224 -2.27 -23.76 5.61
N GLY C 225 -1.46 -24.70 6.08
CA GLY C 225 -1.14 -24.76 7.51
C GLY C 225 -0.65 -23.40 7.99
N GLU C 226 -1.19 -22.94 9.10
CA GLU C 226 -0.73 -21.68 9.71
C GLU C 226 0.68 -21.86 10.28
N ILE C 227 1.41 -20.76 10.38
CA ILE C 227 2.77 -20.80 10.92
C ILE C 227 2.72 -20.75 12.45
N ASP C 228 3.51 -21.60 13.09
CA ASP C 228 3.72 -21.53 14.52
C ASP C 228 4.98 -20.69 14.75
N TRP C 229 4.79 -19.45 15.20
CA TRP C 229 5.89 -18.49 15.29
C TRP C 229 6.75 -18.63 16.54
N ARG C 230 6.36 -19.49 17.48
CA ARG C 230 7.07 -19.61 18.76
C ARG C 230 8.47 -20.20 18.62
N LEU C 231 9.44 -19.52 19.24
CA LEU C 231 10.85 -19.91 19.14
C LEU C 231 11.45 -20.26 20.51
N LEU D 4 32.11 0.46 10.56
CA LEU D 4 33.30 0.95 11.34
C LEU D 4 32.94 1.10 12.81
N SER D 5 33.43 0.19 13.64
CA SER D 5 33.10 0.17 15.06
C SER D 5 33.89 1.19 15.88
N ASP D 6 35.10 1.52 15.41
CA ASP D 6 35.96 2.45 16.13
C ASP D 6 35.47 3.90 16.01
N ILE D 7 34.56 4.15 15.07
CA ILE D 7 33.97 5.47 14.91
C ILE D 7 32.84 5.69 15.90
N ILE D 8 32.14 4.60 16.24
CA ILE D 8 31.14 4.63 17.31
C ILE D 8 31.86 4.67 18.65
N GLU D 9 32.95 3.91 18.74
CA GLU D 9 33.86 3.96 19.89
C GLU D 9 34.20 5.40 20.24
N LYS D 10 34.64 6.16 19.24
CA LYS D 10 35.07 7.53 19.45
C LYS D 10 33.92 8.46 19.85
N GLU D 11 32.82 8.39 19.13
CA GLU D 11 31.72 9.34 19.32
C GLU D 11 30.96 9.15 20.63
N THR D 12 31.10 7.97 21.23
CA THR D 12 30.39 7.66 22.47
C THR D 12 31.33 7.28 23.60
N GLY D 13 32.37 6.51 23.27
CA GLY D 13 33.29 6.00 24.27
C GLY D 13 33.02 4.55 24.60
N LYS D 14 31.78 4.12 24.37
CA LYS D 14 31.38 2.74 24.61
C LYS D 14 31.89 1.81 23.52
N GLN D 15 32.56 0.74 23.93
CA GLN D 15 33.11 -0.24 23.01
C GLN D 15 32.05 -1.25 22.57
N LEU D 16 31.19 -0.82 21.65
CA LEU D 16 30.11 -1.67 21.15
C LEU D 16 30.38 -2.16 19.74
N VAL D 17 29.89 -3.36 19.43
CA VAL D 17 29.98 -3.92 18.09
C VAL D 17 28.69 -3.60 17.31
N ILE D 18 28.84 -3.37 16.01
CA ILE D 18 27.70 -3.14 15.15
C ILE D 18 26.95 -4.44 14.89
N GLN D 19 25.70 -4.50 15.31
CA GLN D 19 24.89 -5.71 15.19
C GLN D 19 24.18 -5.78 13.84
N GLU D 20 23.82 -4.62 13.29
CA GLU D 20 23.17 -4.56 11.99
C GLU D 20 23.40 -3.22 11.28
N SER D 21 23.35 -3.25 9.95
CA SER D 21 23.48 -2.04 9.13
C SER D 21 22.34 -1.99 8.10
N ILE D 22 21.35 -1.14 8.36
CA ILE D 22 20.14 -1.08 7.54
C ILE D 22 20.16 0.08 6.56
N LEU D 23 19.92 -0.21 5.28
CA LEU D 23 19.89 0.83 4.25
C LEU D 23 18.50 1.48 4.17
N MET D 24 18.46 2.79 4.41
CA MET D 24 17.23 3.57 4.27
C MET D 24 17.37 4.67 3.22
N LEU D 25 16.23 5.11 2.70
CA LEU D 25 16.16 6.21 1.76
C LEU D 25 16.16 7.54 2.50
N PRO D 26 16.56 8.63 1.82
CA PRO D 26 16.56 9.95 2.42
C PRO D 26 15.21 10.30 3.04
N GLU D 27 14.13 9.93 2.36
CA GLU D 27 12.77 10.21 2.83
C GLU D 27 12.48 9.51 4.15
N GLU D 28 12.90 8.26 4.26
CA GLU D 28 12.70 7.47 5.46
C GLU D 28 13.46 8.06 6.66
N VAL D 29 14.66 8.54 6.39
CA VAL D 29 15.50 9.12 7.41
C VAL D 29 15.02 10.52 7.81
N GLU D 30 14.71 11.35 6.80
CA GLU D 30 14.20 12.69 7.05
C GLU D 30 12.97 12.65 7.93
N GLU D 31 12.15 11.62 7.74
CA GLU D 31 10.93 11.42 8.52
C GLU D 31 11.21 11.28 10.02
N VAL D 32 12.45 10.93 10.37
CA VAL D 32 12.81 10.69 11.76
C VAL D 32 13.73 11.78 12.34
N ILE D 33 14.80 12.07 11.62
CA ILE D 33 15.82 13.03 12.08
C ILE D 33 15.33 14.46 12.02
N GLY D 34 14.59 14.80 10.96
CA GLY D 34 14.16 16.18 10.72
C GLY D 34 15.10 16.86 9.75
N ASN D 35 16.13 16.13 9.32
CA ASN D 35 17.06 16.61 8.31
C ASN D 35 17.12 15.63 7.15
N LYS D 36 17.37 16.14 5.95
CA LYS D 36 17.42 15.29 4.77
C LYS D 36 18.85 15.03 4.33
N PRO D 37 19.27 13.75 4.33
CA PRO D 37 20.58 13.39 3.80
C PRO D 37 20.58 13.50 2.27
N GLU D 38 21.73 13.81 1.70
CA GLU D 38 21.83 14.02 0.26
C GLU D 38 21.78 12.73 -0.54
N SER D 39 21.78 11.60 0.16
CA SER D 39 21.61 10.29 -0.47
C SER D 39 21.19 9.23 0.54
N ASP D 40 21.24 7.96 0.13
CA ASP D 40 20.86 6.86 0.99
C ASP D 40 21.69 6.84 2.27
N ILE D 41 21.13 6.22 3.31
CA ILE D 41 21.80 6.15 4.60
C ILE D 41 21.85 4.72 5.10
N LEU D 42 23.03 4.30 5.55
CA LEU D 42 23.16 3.03 6.27
C LEU D 42 23.05 3.33 7.76
N VAL D 43 22.09 2.67 8.40
CA VAL D 43 21.86 2.84 9.82
C VAL D 43 22.58 1.74 10.58
N HIS D 44 23.81 2.03 11.01
CA HIS D 44 24.59 1.11 11.82
C HIS D 44 24.14 1.22 13.26
N THR D 45 23.59 0.14 13.79
CA THR D 45 22.97 0.19 15.11
C THR D 45 23.38 -0.96 16.02
N ALA D 46 23.42 -0.65 17.31
CA ALA D 46 23.72 -1.62 18.34
C ALA D 46 22.80 -1.38 19.52
N TYR D 47 22.36 -2.45 20.16
CA TYR D 47 21.54 -2.33 21.35
C TYR D 47 22.39 -2.50 22.61
N ASP D 48 22.64 -1.39 23.30
CA ASP D 48 23.34 -1.42 24.57
C ASP D 48 22.37 -1.93 25.64
N GLU D 49 22.57 -3.19 26.04
CA GLU D 49 21.66 -3.86 26.96
C GLU D 49 21.75 -3.34 28.39
N SER D 50 22.92 -2.84 28.76
CA SER D 50 23.14 -2.32 30.10
C SER D 50 22.25 -1.12 30.39
N THR D 51 22.13 -0.23 29.39
CA THR D 51 21.38 1.01 29.55
C THR D 51 20.01 0.97 28.86
N ASP D 52 19.72 -0.16 28.21
CA ASP D 52 18.47 -0.32 27.45
C ASP D 52 18.26 0.82 26.45
N GLU D 53 19.25 1.06 25.59
CA GLU D 53 19.10 2.05 24.53
C GLU D 53 19.78 1.62 23.22
N ASN D 54 19.34 2.20 22.12
CA ASN D 54 19.86 1.87 20.81
C ASN D 54 20.85 2.90 20.29
N VAL D 55 22.08 2.46 20.05
CA VAL D 55 23.12 3.34 19.52
C VAL D 55 23.13 3.22 18.00
N MET D 56 22.92 4.34 17.32
CA MET D 56 22.81 4.33 15.88
C MET D 56 23.70 5.36 15.21
N LEU D 57 24.70 4.88 14.47
CA LEU D 57 25.52 5.75 13.65
C LEU D 57 24.95 5.72 12.25
N LEU D 58 24.58 6.89 11.74
CA LEU D 58 24.05 6.98 10.39
C LEU D 58 25.15 7.42 9.43
N THR D 59 25.38 6.61 8.42
CA THR D 59 26.47 6.82 7.47
C THR D 59 25.94 6.79 6.05
N SER D 60 26.67 7.42 5.13
CA SER D 60 26.34 7.33 3.72
C SER D 60 26.54 5.89 3.25
N ASP D 61 25.99 5.55 2.09
CA ASP D 61 26.08 4.19 1.58
C ASP D 61 27.53 3.81 1.25
N ALA D 62 27.76 2.51 1.08
CA ALA D 62 29.08 2.01 0.71
C ALA D 62 29.49 2.53 -0.66
N PRO D 63 30.80 2.58 -0.93
CA PRO D 63 31.86 2.11 -0.03
C PRO D 63 32.48 3.21 0.84
N GLU D 64 32.00 4.44 0.71
CA GLU D 64 32.63 5.58 1.38
C GLU D 64 32.10 5.88 2.78
N TYR D 65 31.10 5.15 3.23
CA TYR D 65 30.53 5.31 4.56
C TYR D 65 30.83 6.66 5.22
N LYS D 66 30.48 7.75 4.53
CA LYS D 66 30.67 9.08 5.12
C LYS D 66 29.68 9.31 6.25
N PRO D 67 30.19 9.52 7.47
CA PRO D 67 29.35 9.71 8.66
C PRO D 67 28.41 10.89 8.48
N TRP D 68 27.19 10.77 9.00
CA TRP D 68 26.20 11.83 8.86
C TRP D 68 25.59 12.25 10.19
N ALA D 69 25.23 11.26 11.01
CA ALA D 69 24.64 11.55 12.31
C ALA D 69 24.79 10.40 13.30
N LEU D 70 24.78 10.73 14.58
CA LEU D 70 24.75 9.74 15.65
C LEU D 70 23.43 9.88 16.39
N VAL D 71 22.72 8.75 16.54
CA VAL D 71 21.43 8.77 17.21
C VAL D 71 21.44 7.83 18.41
N ILE D 72 21.18 8.39 19.58
CA ILE D 72 21.02 7.60 20.79
C ILE D 72 19.54 7.56 21.13
N GLN D 73 18.99 6.36 21.27
CA GLN D 73 17.57 6.19 21.52
C GLN D 73 17.31 5.69 22.94
N ASP D 74 16.71 6.54 23.76
CA ASP D 74 16.41 6.22 25.16
C ASP D 74 15.57 4.95 25.31
N SER D 75 15.39 4.52 26.56
CA SER D 75 14.53 3.39 26.88
C SER D 75 13.05 3.76 26.77
N ASN D 76 12.78 5.06 26.65
CA ASN D 76 11.42 5.56 26.48
C ASN D 76 11.06 5.71 25.01
N GLY D 77 12.02 5.45 24.13
CA GLY D 77 11.81 5.57 22.70
C GLY D 77 12.39 6.84 22.12
N GLU D 78 12.47 7.88 22.94
CA GLU D 78 12.98 9.18 22.52
C GLU D 78 14.42 9.11 21.99
N ASN D 79 14.73 9.97 21.03
CA ASN D 79 16.05 9.99 20.40
C ASN D 79 16.92 11.17 20.79
N LYS D 80 18.23 10.98 20.72
CA LYS D 80 19.19 12.06 20.85
C LYS D 80 20.05 12.13 19.60
N ILE D 81 19.82 13.15 18.78
CA ILE D 81 20.52 13.28 17.50
C ILE D 81 21.73 14.21 17.59
N LYS D 82 22.79 13.82 16.91
CA LYS D 82 24.02 14.62 16.86
C LYS D 82 24.58 14.54 15.45
N MET D 83 24.43 15.62 14.68
CA MET D 83 24.89 15.64 13.30
C MET D 83 26.42 15.58 13.23
N LEU D 84 26.93 14.67 12.41
CA LEU D 84 28.37 14.43 12.30
C LEU D 84 28.91 14.87 10.94
#